data_9IAB
#
_entry.id   9IAB
#
_cell.length_a   44.910
_cell.length_b   44.950
_cell.length_c   74.060
_cell.angle_alpha   100.170
_cell.angle_beta   92.220
_cell.angle_gamma   105.870
#
_symmetry.space_group_name_H-M   'P 1'
#
loop_
_entity.id
_entity.type
_entity.pdbx_description
1 polymer 'PD-(D/E)XK endonuclease-like domain-containing protein'
2 non-polymer 'IRON/SULFUR CLUSTER'
3 non-polymer '2-(N-MORPHOLINO)-ETHANESULFONIC ACID'
4 non-polymer 'SULFATE ION'
5 water water
#
_entity_poly.entity_id   1
_entity_poly.type   'polypeptide(L)'
_entity_poly.pdbx_seq_one_letter_code
;SAPKIWEFASYNLLSLFSPAVGLEHLHCDMKRGFTKARRREPQVAELLQKDNIHQRIGILAQRGIYEFYQTSLIADGKDA
IAQTAEILQLSQEVDSVRIKVLQILENYHHNQFLASKKIIKLSRGDEGFPEPILIQQGNNTFKLYAAMDCVLQEEDGTLH
IVDFKTGKSDFDRRQAYIYLLAASYIYPQQKAVASFYNLETCQQSERIIASSSILKSFQVELSSLSQRHQKDLYRYRRNF
DDFNRIFPPNPGVSCRYCAFNSICKFAMTEATA
;
_entity_poly.pdbx_strand_id   A,B
#
# COMPACT_ATOMS: atom_id res chain seq x y z
N SER A 1 -20.80 -29.63 6.89
CA SER A 1 -21.54 -28.67 6.03
C SER A 1 -20.70 -27.43 5.74
N ALA A 2 -19.56 -27.63 5.07
CA ALA A 2 -18.67 -26.52 4.74
C ALA A 2 -18.99 -25.97 3.35
N PRO A 3 -19.35 -24.68 3.23
CA PRO A 3 -19.65 -24.14 1.89
C PRO A 3 -18.41 -24.17 1.01
N LYS A 4 -18.61 -24.42 -0.27
CA LYS A 4 -17.49 -24.37 -1.20
C LYS A 4 -16.97 -22.95 -1.27
N ILE A 5 -15.65 -22.80 -1.30
CA ILE A 5 -14.99 -21.52 -1.45
C ILE A 5 -14.53 -21.42 -2.89
N TRP A 6 -15.11 -20.47 -3.64
CA TRP A 6 -14.73 -20.26 -5.01
C TRP A 6 -13.57 -19.28 -5.15
N GLU A 7 -13.45 -18.31 -4.23
CA GLU A 7 -12.39 -17.32 -4.34
C GLU A 7 -11.02 -17.97 -4.24
N PHE A 8 -10.12 -17.63 -5.16
CA PHE A 8 -8.76 -18.16 -5.11
C PHE A 8 -7.79 -17.14 -5.67
N ALA A 9 -6.53 -17.31 -5.29
CA ALA A 9 -5.43 -16.50 -5.79
C ALA A 9 -4.21 -17.37 -5.98
N SER A 10 -3.32 -16.89 -6.83
CA SER A 10 -2.07 -17.58 -7.13
C SER A 10 -1.20 -16.59 -7.88
N TYR A 11 0.09 -16.91 -7.97
CA TYR A 11 0.95 -16.10 -8.82
C TYR A 11 0.45 -16.12 -10.25
N ASN A 12 0.10 -17.30 -10.77
CA ASN A 12 -0.36 -17.38 -12.16
C ASN A 12 -1.55 -16.47 -12.39
N LEU A 13 -2.53 -16.51 -11.50
CA LEU A 13 -3.69 -15.63 -11.68
C LEU A 13 -3.29 -14.16 -11.64
N LEU A 14 -2.49 -13.79 -10.63
CA LEU A 14 -2.02 -12.42 -10.54
C LEU A 14 -1.37 -11.97 -11.84
N SER A 15 -0.51 -12.82 -12.41
CA SER A 15 0.23 -12.44 -13.62
C SER A 15 -0.69 -12.21 -14.81
N LEU A 16 -1.85 -12.89 -14.84
CA LEU A 16 -2.83 -12.67 -15.91
C LEU A 16 -3.57 -11.34 -15.79
N PHE A 17 -3.52 -10.71 -14.61
CA PHE A 17 -4.04 -9.34 -14.41
C PHE A 17 -2.96 -8.25 -14.53
N SER A 18 -1.85 -8.45 -13.84
CA SER A 18 -0.77 -7.44 -13.72
C SER A 18 0.51 -8.13 -14.20
N PRO A 19 1.05 -7.82 -15.38
CA PRO A 19 2.22 -8.54 -15.87
C PRO A 19 3.51 -8.22 -15.11
N GLY A 22 8.80 -6.95 -16.75
CA GLY A 22 9.48 -7.18 -18.00
C GLY A 22 8.63 -7.77 -19.11
N LEU A 23 7.42 -8.22 -18.81
CA LEU A 23 6.59 -8.89 -19.80
C LEU A 23 5.28 -8.14 -20.01
N GLU A 24 5.31 -6.82 -19.81
CA GLU A 24 4.08 -6.03 -19.87
C GLU A 24 3.59 -5.85 -21.31
N HIS A 25 4.46 -6.03 -22.31
CA HIS A 25 4.10 -5.69 -23.67
C HIS A 25 3.11 -6.68 -24.27
N LEU A 26 3.03 -7.90 -23.73
CA LEU A 26 2.14 -8.94 -24.23
C LEU A 26 0.90 -9.11 -23.36
N HIS A 27 0.71 -8.23 -22.37
CA HIS A 27 -0.45 -8.38 -21.50
C HIS A 27 -1.72 -8.15 -22.31
N CYS A 28 -2.70 -9.02 -22.11
CA CYS A 28 -4.01 -8.84 -22.75
C CYS A 28 -5.06 -9.38 -21.81
N ASP A 29 -6.01 -8.53 -21.38
CA ASP A 29 -7.06 -9.03 -20.50
C ASP A 29 -7.99 -9.99 -21.21
N MET A 30 -8.22 -9.80 -22.51
CA MET A 30 -9.06 -10.74 -23.24
C MET A 30 -8.47 -12.14 -23.23
N LYS A 31 -7.13 -12.24 -23.21
CA LYS A 31 -6.51 -13.56 -23.10
C LYS A 31 -6.96 -14.27 -21.82
N ARG A 32 -7.03 -13.51 -20.72
CA ARG A 32 -7.52 -14.07 -19.46
C ARG A 32 -8.99 -14.43 -19.54
N GLY A 33 -9.76 -13.62 -20.26
CA GLY A 33 -11.17 -13.97 -20.46
C GLY A 33 -11.35 -15.33 -21.12
N PHE A 34 -10.58 -15.60 -22.17
CA PHE A 34 -10.64 -16.93 -22.79
C PHE A 34 -10.13 -18.00 -21.84
N THR A 35 -9.02 -17.74 -21.15
CA THR A 35 -8.34 -18.77 -20.38
C THR A 35 -9.18 -19.22 -19.20
N LYS A 36 -9.91 -18.29 -18.58
CA LYS A 36 -10.64 -18.54 -17.35
C LYS A 36 -12.15 -18.53 -17.54
N ALA A 37 -12.70 -17.53 -18.21
CA ALA A 37 -14.15 -17.43 -18.31
C ALA A 37 -14.74 -18.27 -19.43
N ARG A 38 -14.01 -18.52 -20.50
CA ARG A 38 -14.59 -19.24 -21.64
C ARG A 38 -13.93 -20.57 -21.87
N ARG A 39 -13.18 -21.08 -20.88
CA ARG A 39 -12.33 -22.24 -21.12
C ARG A 39 -13.11 -23.52 -21.45
N ARG A 40 -14.38 -23.62 -21.04
CA ARG A 40 -15.16 -24.82 -21.33
C ARG A 40 -15.78 -24.80 -22.74
N GLU A 41 -15.83 -23.64 -23.39
CA GLU A 41 -16.38 -23.59 -24.74
C GLU A 41 -15.53 -24.48 -25.65
N PRO A 42 -16.13 -25.36 -26.44
CA PRO A 42 -15.32 -26.36 -27.16
C PRO A 42 -14.18 -25.76 -27.99
N GLN A 43 -14.45 -24.67 -28.70
CA GLN A 43 -13.44 -24.06 -29.56
C GLN A 43 -12.32 -23.41 -28.78
N VAL A 44 -12.56 -23.07 -27.51
CA VAL A 44 -11.52 -22.57 -26.61
C VAL A 44 -10.77 -23.71 -25.93
N ALA A 45 -11.52 -24.70 -25.45
CA ALA A 45 -10.92 -25.86 -24.76
C ALA A 45 -9.90 -26.54 -25.67
N GLU A 46 -10.18 -26.62 -26.97
CA GLU A 46 -9.31 -27.38 -27.91
C GLU A 46 -8.01 -26.61 -28.16
N LEU A 47 -8.00 -25.29 -27.95
CA LEU A 47 -6.78 -24.45 -28.14
C LEU A 47 -5.96 -24.46 -26.86
N LEU A 48 -6.58 -24.81 -25.72
CA LEU A 48 -5.90 -24.83 -24.41
C LEU A 48 -5.24 -26.19 -24.21
N GLN A 49 -5.64 -27.21 -24.96
CA GLN A 49 -5.13 -28.60 -24.79
C GLN A 49 -3.83 -28.78 -25.58
N LYS A 50 -3.19 -27.70 -26.05
CA LYS A 50 -1.89 -27.76 -26.75
C LYS A 50 -0.82 -27.23 -25.78
N ASP A 51 0.37 -27.86 -25.67
CA ASP A 51 1.41 -27.48 -24.67
C ASP A 51 2.53 -26.63 -25.28
N ASN A 52 3.21 -25.77 -24.51
CA ASN A 52 4.19 -24.85 -25.08
C ASN A 52 5.62 -25.35 -24.90
N ILE A 53 6.50 -24.92 -25.82
CA ILE A 53 7.90 -25.32 -25.74
C ILE A 53 8.56 -24.83 -24.45
N HIS A 54 8.31 -23.58 -24.05
CA HIS A 54 8.91 -23.08 -22.80
C HIS A 54 8.36 -23.84 -21.61
N GLN A 55 7.06 -24.14 -21.63
CA GLN A 55 6.51 -25.03 -20.62
C GLN A 55 7.19 -26.39 -20.67
N ARG A 56 7.42 -26.90 -21.88
CA ARG A 56 8.09 -28.19 -22.03
C ARG A 56 9.49 -28.15 -21.41
N ILE A 57 10.30 -27.16 -21.82
CA ILE A 57 11.65 -27.06 -21.28
C ILE A 57 11.59 -26.95 -19.77
N GLY A 58 10.62 -26.20 -19.22
CA GLY A 58 10.52 -26.05 -17.78
C GLY A 58 10.14 -27.33 -17.05
N ILE A 59 9.13 -28.04 -17.56
CA ILE A 59 8.74 -29.32 -16.97
C ILE A 59 9.90 -30.30 -17.00
N LEU A 60 10.55 -30.44 -18.15
CA LEU A 60 11.65 -31.37 -18.24
C LEU A 60 12.82 -30.91 -17.40
N ALA A 61 13.04 -29.61 -17.26
CA ALA A 61 14.16 -29.13 -16.47
C ALA A 61 13.98 -29.50 -15.01
N GLN A 62 12.77 -29.28 -14.48
CA GLN A 62 12.49 -29.66 -13.10
C GLN A 62 12.65 -31.16 -12.90
N ARG A 63 12.07 -31.97 -13.81
CA ARG A 63 12.24 -33.42 -13.73
C ARG A 63 13.69 -33.81 -13.80
N GLY A 64 14.46 -33.12 -14.65
CA GLY A 64 15.86 -33.44 -14.84
C GLY A 64 16.69 -33.16 -13.61
N ILE A 65 16.45 -32.03 -12.96
CA ILE A 65 17.14 -31.78 -11.69
C ILE A 65 16.76 -32.84 -10.67
N TYR A 66 15.46 -33.17 -10.56
CA TYR A 66 15.06 -34.17 -9.60
C TYR A 66 15.75 -35.52 -9.86
N GLU A 67 15.77 -35.95 -11.11
CA GLU A 67 16.36 -37.25 -11.41
C GLU A 67 17.88 -37.23 -11.25
N PHE A 68 18.55 -36.15 -11.68
CA PHE A 68 19.98 -36.04 -11.50
C PHE A 68 20.32 -36.14 -10.00
N TYR A 69 19.64 -35.37 -9.17
CA TYR A 69 19.87 -35.41 -7.74
C TYR A 69 19.67 -36.80 -7.16
N GLN A 70 18.56 -37.44 -7.54
CA GLN A 70 18.24 -38.76 -6.98
C GLN A 70 19.34 -39.75 -7.29
N THR A 71 19.80 -39.79 -8.53
CA THR A 71 20.80 -40.77 -8.89
C THR A 71 22.17 -40.46 -8.27
N SER A 72 22.44 -39.20 -7.97
CA SER A 72 23.69 -38.77 -7.36
C SER A 72 23.83 -39.06 -5.87
N LEU A 73 22.76 -39.48 -5.20
CA LEU A 73 22.84 -39.64 -3.74
C LEU A 73 23.83 -40.72 -3.36
N ILE A 74 23.77 -41.86 -4.02
CA ILE A 74 24.74 -42.93 -3.87
C ILE A 74 25.33 -43.15 -5.25
N ALA A 75 26.57 -42.69 -5.45
CA ALA A 75 27.17 -42.73 -6.78
C ALA A 75 27.25 -44.16 -7.28
N ASP A 76 26.89 -44.36 -8.55
CA ASP A 76 26.95 -45.66 -9.18
C ASP A 76 28.04 -45.76 -10.25
N GLY A 77 28.85 -44.71 -10.41
CA GLY A 77 29.92 -44.78 -11.38
C GLY A 77 29.52 -44.49 -12.81
N LYS A 78 28.25 -44.30 -13.08
CA LYS A 78 27.77 -44.05 -14.44
C LYS A 78 27.71 -42.56 -14.76
N ASP A 79 27.52 -42.25 -16.04
CA ASP A 79 27.37 -40.88 -16.52
C ASP A 79 25.96 -40.37 -16.16
N ALA A 80 25.89 -39.52 -15.12
CA ALA A 80 24.60 -39.04 -14.63
C ALA A 80 23.87 -38.19 -15.66
N ILE A 81 24.59 -37.43 -16.50
CA ILE A 81 23.90 -36.64 -17.52
C ILE A 81 23.24 -37.57 -18.53
N ALA A 82 23.98 -38.56 -19.03
CA ALA A 82 23.39 -39.47 -20.01
C ALA A 82 22.26 -40.29 -19.39
N GLN A 83 22.43 -40.71 -18.14
CA GLN A 83 21.37 -41.47 -17.44
C GLN A 83 20.09 -40.64 -17.32
N THR A 84 20.23 -39.38 -16.92
CA THR A 84 19.06 -38.52 -16.76
C THR A 84 18.41 -38.23 -18.12
N ALA A 85 19.22 -37.98 -19.15
CA ALA A 85 18.66 -37.75 -20.49
C ALA A 85 17.87 -38.97 -20.96
N GLU A 86 18.35 -40.17 -20.61
CA GLU A 86 17.62 -41.38 -20.97
C GLU A 86 16.30 -41.47 -20.21
N ILE A 87 16.31 -41.14 -18.92
CA ILE A 87 15.06 -41.18 -18.16
C ILE A 87 14.03 -40.22 -18.75
N LEU A 88 14.48 -39.01 -19.10
CA LEU A 88 13.61 -37.99 -19.67
C LEU A 88 13.24 -38.25 -21.13
N GLN A 89 13.83 -39.27 -21.76
CA GLN A 89 13.55 -39.59 -23.15
C GLN A 89 13.75 -38.37 -24.06
N LEU A 90 14.85 -37.66 -23.83
CA LEU A 90 15.12 -36.45 -24.61
C LEU A 90 15.24 -36.71 -26.10
N SER A 91 15.60 -37.92 -26.52
CA SER A 91 15.68 -38.21 -27.95
C SER A 91 14.34 -38.07 -28.65
N GLN A 92 13.24 -38.17 -27.91
CA GLN A 92 11.89 -38.09 -28.45
C GLN A 92 11.37 -36.66 -28.48
N GLU A 93 12.11 -35.72 -27.90
CA GLU A 93 11.76 -34.31 -27.88
C GLU A 93 12.28 -33.62 -29.14
N VAL A 94 11.71 -32.46 -29.44
CA VAL A 94 12.27 -31.59 -30.46
C VAL A 94 13.72 -31.31 -30.09
N ASP A 95 14.61 -31.23 -31.08
CA ASP A 95 16.04 -31.12 -30.77
C ASP A 95 16.40 -29.85 -30.00
N SER A 96 15.69 -28.74 -30.27
CA SER A 96 15.86 -27.49 -29.52
C SER A 96 15.64 -27.73 -28.03
N VAL A 97 14.59 -28.47 -27.72
CA VAL A 97 14.29 -28.80 -26.33
C VAL A 97 15.38 -29.66 -25.74
N ARG A 98 15.77 -30.72 -26.46
CA ARG A 98 16.83 -31.59 -25.97
C ARG A 98 18.09 -30.81 -25.62
N ILE A 99 18.57 -29.96 -26.53
CA ILE A 99 19.86 -29.36 -26.22
CA ILE A 99 19.84 -29.28 -26.29
C ILE A 99 19.75 -28.39 -25.06
N LYS A 100 18.60 -27.72 -24.87
CA LYS A 100 18.46 -26.85 -23.71
C LYS A 100 18.44 -27.64 -22.40
N VAL A 101 17.72 -28.77 -22.38
CA VAL A 101 17.73 -29.60 -21.17
C VAL A 101 19.13 -30.16 -20.92
N LEU A 102 19.85 -30.57 -21.98
CA LEU A 102 21.21 -31.06 -21.78
C LEU A 102 22.12 -29.96 -21.22
N GLN A 103 21.95 -28.72 -21.68
CA GLN A 103 22.72 -27.63 -21.10
C GLN A 103 22.41 -27.48 -19.61
N ILE A 104 21.13 -27.62 -19.25
CA ILE A 104 20.72 -27.50 -17.85
C ILE A 104 21.37 -28.60 -17.02
N LEU A 105 21.43 -29.81 -17.57
CA LEU A 105 22.06 -30.93 -16.87
C LEU A 105 23.56 -30.75 -16.75
N GLU A 106 24.21 -30.24 -17.82
CA GLU A 106 25.63 -29.93 -17.73
C GLU A 106 25.92 -28.89 -16.66
N ASN A 107 25.09 -27.83 -16.62
CA ASN A 107 25.26 -26.81 -15.58
C ASN A 107 25.13 -27.41 -14.18
N TYR A 108 24.12 -28.29 -13.99
CA TYR A 108 23.91 -28.89 -12.67
C TYR A 108 25.10 -29.79 -12.30
N HIS A 109 25.56 -30.59 -13.26
CA HIS A 109 26.72 -31.45 -13.04
C HIS A 109 27.89 -30.64 -12.53
N HIS A 110 28.11 -29.45 -13.10
CA HIS A 110 29.23 -28.63 -12.66
C HIS A 110 28.96 -27.87 -11.37
N ASN A 111 27.69 -27.65 -11.02
CA ASN A 111 27.29 -26.86 -9.85
C ASN A 111 26.13 -27.60 -9.15
N GLN A 112 26.44 -28.70 -8.48
CA GLN A 112 25.39 -29.53 -7.89
C GLN A 112 24.91 -28.88 -6.59
N PHE A 113 24.06 -27.85 -6.75
CA PHE A 113 23.67 -26.97 -5.64
C PHE A 113 22.75 -27.66 -4.64
N LEU A 114 22.32 -28.89 -4.90
CA LEU A 114 21.52 -29.64 -3.93
C LEU A 114 22.31 -30.72 -3.21
N ALA A 115 23.56 -30.96 -3.60
CA ALA A 115 24.22 -32.21 -3.24
C ALA A 115 24.33 -32.39 -1.73
N SER A 116 24.83 -31.38 -1.02
CA SER A 116 25.11 -31.57 0.39
C SER A 116 23.97 -31.08 1.28
N LYS A 117 22.83 -30.75 0.68
CA LYS A 117 21.82 -29.99 1.38
C LYS A 117 20.76 -30.88 2.02
N LYS A 118 20.08 -30.32 3.02
CA LYS A 118 18.93 -30.99 3.61
C LYS A 118 17.69 -30.61 2.81
N ILE A 119 17.17 -31.57 2.07
CA ILE A 119 16.02 -31.34 1.20
C ILE A 119 14.75 -31.52 2.01
N ILE A 120 13.98 -30.44 2.14
CA ILE A 120 12.63 -30.54 2.70
C ILE A 120 11.63 -30.93 1.61
N LYS A 121 11.76 -30.34 0.41
CA LYS A 121 10.87 -30.62 -0.72
C LYS A 121 11.67 -30.50 -2.02
N LEU A 122 11.49 -31.45 -2.93
CA LEU A 122 12.02 -31.32 -4.29
C LEU A 122 11.00 -31.97 -5.21
N SER A 123 10.27 -31.15 -5.96
CA SER A 123 9.21 -31.67 -6.81
C SER A 123 9.77 -32.28 -8.08
N ARG A 124 9.15 -33.34 -8.54
CA ARG A 124 9.54 -33.94 -9.82
C ARG A 124 9.00 -33.16 -11.01
N GLY A 125 8.08 -32.23 -10.78
CA GLY A 125 7.45 -31.48 -11.84
C GLY A 125 6.19 -32.12 -12.39
N ASP A 126 5.96 -33.40 -12.11
CA ASP A 126 4.82 -34.14 -12.65
C ASP A 126 3.54 -33.98 -11.83
N GLU A 127 3.61 -33.34 -10.67
CA GLU A 127 2.45 -33.24 -9.81
C GLU A 127 1.46 -32.21 -10.37
N GLY A 128 0.21 -32.30 -9.89
CA GLY A 128 -0.83 -31.36 -10.26
C GLY A 128 -0.76 -30.08 -9.46
N PHE A 129 -1.92 -29.43 -9.28
CA PHE A 129 -1.95 -28.22 -8.47
C PHE A 129 -1.73 -28.58 -7.00
N PRO A 130 -1.09 -27.69 -6.23
CA PRO A 130 -0.89 -27.97 -4.80
C PRO A 130 -2.21 -27.94 -4.05
N GLU A 131 -2.20 -28.54 -2.86
CA GLU A 131 -3.34 -28.40 -1.96
C GLU A 131 -3.52 -26.92 -1.61
N PRO A 132 -4.76 -26.42 -1.57
CA PRO A 132 -4.96 -24.99 -1.28
C PRO A 132 -4.72 -24.65 0.20
N ILE A 133 -4.28 -23.43 0.42
CA ILE A 133 -4.19 -22.81 1.73
C ILE A 133 -5.41 -21.93 1.92
N LEU A 134 -6.19 -22.20 2.96
CA LEU A 134 -7.44 -21.48 3.19
C LEU A 134 -7.17 -20.29 4.09
N ILE A 135 -7.42 -19.09 3.59
CA ILE A 135 -7.08 -17.85 4.26
C ILE A 135 -8.32 -16.99 4.45
N GLN A 136 -8.55 -16.55 5.68
CA GLN A 136 -9.56 -15.53 5.96
C GLN A 136 -8.85 -14.19 6.08
N GLN A 137 -9.25 -13.24 5.24
CA GLN A 137 -8.71 -11.89 5.21
C GLN A 137 -9.89 -10.93 5.21
N GLY A 138 -10.08 -10.23 6.33
CA GLY A 138 -11.26 -9.41 6.46
C GLY A 138 -12.48 -10.30 6.39
N ASN A 139 -13.47 -9.89 5.59
CA ASN A 139 -14.68 -10.67 5.40
C ASN A 139 -14.58 -11.62 4.20
N ASN A 140 -13.38 -11.82 3.67
CA ASN A 140 -13.20 -12.70 2.53
C ASN A 140 -12.48 -13.97 2.98
N THR A 141 -12.86 -15.10 2.42
CA THR A 141 -12.12 -16.36 2.58
C THR A 141 -11.70 -16.79 1.19
N PHE A 142 -10.43 -17.14 1.01
CA PHE A 142 -9.96 -17.54 -0.30
C PHE A 142 -8.90 -18.62 -0.21
N LYS A 143 -8.75 -19.35 -1.31
CA LYS A 143 -7.75 -20.39 -1.46
C LYS A 143 -6.51 -19.81 -2.14
N LEU A 144 -5.36 -20.02 -1.53
CA LEU A 144 -4.06 -19.65 -2.09
C LEU A 144 -3.37 -20.91 -2.60
N TYR A 145 -3.04 -20.91 -3.90
CA TYR A 145 -2.29 -21.97 -4.55
C TYR A 145 -0.86 -21.51 -4.77
N ALA A 146 0.11 -22.27 -4.28
CA ALA A 146 1.51 -21.90 -4.45
C ALA A 146 2.36 -23.17 -4.53
N ALA A 147 2.92 -23.43 -5.69
CA ALA A 147 3.73 -24.64 -5.91
C ALA A 147 5.19 -24.27 -5.68
N MET A 148 5.81 -24.88 -4.68
CA MET A 148 7.25 -24.65 -4.40
C MET A 148 8.10 -25.75 -5.03
N ASP A 149 8.97 -25.37 -5.98
CA ASP A 149 9.83 -26.33 -6.72
C ASP A 149 10.85 -26.99 -5.79
N CYS A 150 11.35 -26.27 -4.80
CA CYS A 150 12.50 -26.75 -4.00
C CYS A 150 12.50 -26.03 -2.65
N VAL A 151 12.62 -26.77 -1.56
CA VAL A 151 12.71 -26.18 -0.20
C VAL A 151 13.88 -26.88 0.48
N LEU A 152 14.89 -26.12 0.86
CA LEU A 152 16.07 -26.61 1.56
C LEU A 152 16.05 -26.11 3.00
N GLN A 153 16.68 -26.85 3.91
CA GLN A 153 16.81 -26.40 5.27
C GLN A 153 18.28 -26.13 5.54
N GLU A 154 18.57 -24.89 5.92
CA GLU A 154 19.92 -24.44 6.17
C GLU A 154 20.36 -24.81 7.57
N GLU A 155 21.64 -24.51 7.83
CA GLU A 155 22.31 -25.00 9.04
C GLU A 155 21.59 -24.54 10.29
N ASP A 156 21.15 -23.28 10.32
CA ASP A 156 20.49 -22.71 11.47
C ASP A 156 18.99 -22.97 11.52
N GLY A 157 18.49 -23.82 10.62
CA GLY A 157 17.08 -24.13 10.56
C GLY A 157 16.30 -23.30 9.58
N THR A 158 16.90 -22.28 8.99
CA THR A 158 16.17 -21.44 8.04
C THR A 158 15.82 -22.23 6.78
N LEU A 159 14.58 -22.07 6.33
CA LEU A 159 14.11 -22.70 5.11
C LEU A 159 14.41 -21.78 3.94
N HIS A 160 14.93 -22.35 2.87
CA HIS A 160 15.27 -21.63 1.65
C HIS A 160 14.43 -22.18 0.51
N ILE A 161 13.50 -21.36 0.02
CA ILE A 161 12.65 -21.71 -1.10
C ILE A 161 13.38 -21.26 -2.35
N VAL A 162 13.60 -22.18 -3.29
CA VAL A 162 14.32 -21.88 -4.52
C VAL A 162 13.35 -22.07 -5.68
N ASP A 163 13.14 -21.03 -6.46
CA ASP A 163 12.32 -21.08 -7.65
C ASP A 163 13.21 -21.22 -8.88
N PHE A 164 13.02 -22.29 -9.62
CA PHE A 164 13.82 -22.58 -10.81
C PHE A 164 13.23 -21.91 -12.05
N LYS A 165 14.09 -21.19 -12.78
CA LYS A 165 13.72 -20.51 -14.00
C LYS A 165 14.52 -21.11 -15.16
N THR A 166 13.95 -20.98 -16.36
CA THR A 166 14.65 -21.30 -17.59
C THR A 166 14.35 -20.17 -18.56
N GLY A 167 15.15 -20.10 -19.61
CA GLY A 167 14.89 -19.12 -20.64
C GLY A 167 15.43 -17.75 -20.29
N LYS A 168 14.86 -16.76 -20.99
CA LYS A 168 15.28 -15.37 -20.91
C LYS A 168 14.42 -14.56 -19.95
N SER A 169 13.50 -15.20 -19.24
CA SER A 169 12.59 -14.50 -18.34
C SER A 169 13.35 -13.79 -17.22
N ASP A 170 12.87 -12.60 -16.88
CA ASP A 170 13.34 -11.89 -15.69
C ASP A 170 12.58 -12.40 -14.46
N PHE A 171 13.23 -12.29 -13.31
CA PHE A 171 12.64 -12.69 -12.04
C PHE A 171 11.55 -11.71 -11.63
N ASP A 172 10.41 -12.21 -11.17
CA ASP A 172 9.32 -11.38 -10.66
C ASP A 172 9.22 -11.59 -9.15
N ARG A 173 9.68 -10.61 -8.38
CA ARG A 173 9.79 -10.83 -6.93
C ARG A 173 8.44 -10.98 -6.25
N ARG A 174 7.35 -10.57 -6.88
CA ARG A 174 6.06 -10.89 -6.31
C ARG A 174 5.88 -12.40 -6.13
N GLN A 175 6.44 -13.20 -7.03
CA GLN A 175 6.33 -14.64 -6.87
C GLN A 175 7.07 -15.10 -5.62
N ALA A 176 8.24 -14.51 -5.34
CA ALA A 176 8.97 -14.86 -4.12
C ALA A 176 8.16 -14.52 -2.88
N TYR A 177 7.48 -13.37 -2.89
CA TYR A 177 6.70 -13.01 -1.73
C TYR A 177 5.49 -13.93 -1.59
N ILE A 178 4.91 -14.37 -2.71
CA ILE A 178 3.85 -15.38 -2.64
C ILE A 178 4.36 -16.66 -1.97
N TYR A 179 5.56 -17.12 -2.37
CA TYR A 179 6.11 -18.31 -1.74
C TYR A 179 6.34 -18.08 -0.25
N LEU A 180 6.85 -16.90 0.14
CA LEU A 180 7.11 -16.63 1.56
C LEU A 180 5.80 -16.59 2.35
N LEU A 181 4.76 -16.01 1.75
CA LEU A 181 3.45 -16.04 2.41
C LEU A 181 2.97 -17.48 2.57
N ALA A 182 3.05 -18.27 1.49
CA ALA A 182 2.62 -19.66 1.57
C ALA A 182 3.41 -20.41 2.64
N ALA A 183 4.73 -20.18 2.72
CA ALA A 183 5.54 -20.86 3.70
C ALA A 183 5.15 -20.52 5.14
N SER A 184 4.61 -19.31 5.37
CA SER A 184 4.15 -18.97 6.71
C SER A 184 2.98 -19.86 7.17
N TYR A 185 2.25 -20.46 6.21
CA TYR A 185 1.18 -21.42 6.46
C TYR A 185 1.65 -22.86 6.40
N ILE A 186 2.56 -23.19 5.48
CA ILE A 186 3.02 -24.57 5.32
C ILE A 186 4.04 -24.93 6.39
N TYR A 187 4.92 -23.98 6.71
CA TYR A 187 6.01 -24.14 7.70
C TYR A 187 5.81 -23.12 8.83
N PRO A 188 4.74 -23.23 9.65
CA PRO A 188 4.47 -22.22 10.67
C PRO A 188 5.59 -22.09 11.71
N GLN A 189 5.92 -20.86 12.12
CA GLN A 189 6.95 -20.59 13.16
C GLN A 189 8.33 -21.02 12.65
N GLN A 190 8.58 -20.92 11.34
CA GLN A 190 9.89 -21.27 10.73
C GLN A 190 10.40 -20.09 9.91
N LYS A 191 11.62 -19.60 10.17
CA LYS A 191 12.22 -18.54 9.39
C LYS A 191 12.42 -19.04 7.96
N ALA A 192 12.20 -18.17 6.97
CA ALA A 192 12.29 -18.53 5.57
C ALA A 192 12.90 -17.41 4.72
N VAL A 193 13.56 -17.82 3.64
CA VAL A 193 14.12 -16.94 2.63
C VAL A 193 13.81 -17.53 1.27
N ALA A 194 13.74 -16.69 0.25
CA ALA A 194 13.38 -17.14 -1.07
C ALA A 194 14.39 -16.64 -2.07
N SER A 195 14.63 -17.42 -3.12
CA SER A 195 15.48 -16.90 -4.18
C SER A 195 15.13 -17.58 -5.49
N PHE A 196 15.60 -16.97 -6.58
CA PHE A 196 15.43 -17.48 -7.93
C PHE A 196 16.76 -17.99 -8.44
N TYR A 197 16.71 -19.05 -9.23
CA TYR A 197 17.90 -19.57 -9.88
C TYR A 197 17.55 -20.01 -11.28
N ASN A 198 18.22 -19.44 -12.26
CA ASN A 198 18.02 -19.82 -13.65
C ASN A 198 18.92 -21.02 -13.94
N LEU A 199 18.27 -22.16 -14.17
CA LEU A 199 18.96 -23.42 -14.41
C LEU A 199 19.77 -23.40 -15.69
N GLU A 200 19.42 -22.53 -16.62
CA GLU A 200 20.00 -22.52 -17.95
C GLU A 200 21.19 -21.56 -18.04
N THR A 201 21.08 -20.41 -17.40
CA THR A 201 22.12 -19.39 -17.39
C THR A 201 22.95 -19.37 -16.11
N CYS A 202 22.48 -20.07 -15.07
CA CYS A 202 23.06 -20.10 -13.72
C CYS A 202 23.03 -18.74 -13.03
N GLN A 203 22.22 -17.82 -13.51
CA GLN A 203 22.01 -16.54 -12.83
C GLN A 203 21.12 -16.72 -11.60
N GLN A 204 21.45 -16.00 -10.54
CA GLN A 204 20.72 -16.13 -9.28
C GLN A 204 20.28 -14.75 -8.80
N SER A 205 19.14 -14.72 -8.14
CA SER A 205 18.74 -13.50 -7.45
C SER A 205 19.40 -13.39 -6.08
N GLU A 206 19.13 -12.28 -5.43
CA GLU A 206 19.49 -12.12 -4.03
C GLU A 206 18.59 -13.02 -3.18
N ARG A 207 18.96 -13.18 -1.91
CA ARG A 207 18.11 -13.84 -0.92
C ARG A 207 17.03 -12.87 -0.48
N ILE A 208 15.77 -13.26 -0.68
CA ILE A 208 14.62 -12.38 -0.44
C ILE A 208 13.99 -12.76 0.89
N ILE A 209 13.82 -11.78 1.78
CA ILE A 209 13.13 -11.99 3.04
C ILE A 209 11.99 -11.00 3.13
N ALA A 210 11.01 -11.33 3.95
CA ALA A 210 9.83 -10.48 4.10
C ALA A 210 9.41 -10.45 5.56
N SER A 211 9.23 -9.26 6.08
CA SER A 211 8.70 -9.11 7.43
C SER A 211 7.26 -9.61 7.48
N SER A 212 6.79 -9.89 8.70
CA SER A 212 5.40 -10.28 8.87
C SER A 212 4.46 -9.19 8.35
N SER A 213 4.85 -7.92 8.48
CA SER A 213 3.99 -6.85 7.99
CA SER A 213 3.99 -6.83 8.00
C SER A 213 3.90 -6.83 6.47
N ILE A 214 5.02 -7.02 5.79
CA ILE A 214 4.99 -7.04 4.33
C ILE A 214 4.16 -8.23 3.82
N LEU A 215 4.27 -9.37 4.48
CA LEU A 215 3.49 -10.52 4.05
C LEU A 215 2.01 -10.31 4.31
N LYS A 216 1.67 -9.68 5.45
CA LYS A 216 0.26 -9.39 5.71
CA LYS A 216 0.25 -9.39 5.69
C LYS A 216 -0.32 -8.49 4.60
N SER A 217 0.44 -7.48 4.19
CA SER A 217 -0.07 -6.59 3.13
C SER A 217 -0.16 -7.31 1.78
N PHE A 218 0.78 -8.21 1.49
CA PHE A 218 0.63 -8.96 0.26
C PHE A 218 -0.61 -9.86 0.31
N GLN A 219 -0.89 -10.44 1.48
CA GLN A 219 -2.11 -11.22 1.64
C GLN A 219 -3.34 -10.36 1.36
N VAL A 220 -3.34 -9.11 1.80
CA VAL A 220 -4.43 -8.20 1.46
C VAL A 220 -4.58 -8.07 -0.05
N GLU A 221 -3.45 -7.87 -0.77
CA GLU A 221 -3.49 -7.72 -2.21
CA GLU A 221 -3.51 -7.73 -2.22
C GLU A 221 -4.05 -9.00 -2.89
N LEU A 222 -3.63 -10.16 -2.39
CA LEU A 222 -4.10 -11.42 -2.98
C LEU A 222 -5.59 -11.64 -2.70
N SER A 223 -6.04 -11.24 -1.52
CA SER A 223 -7.47 -11.31 -1.21
C SER A 223 -8.28 -10.44 -2.17
N SER A 224 -7.80 -9.23 -2.41
CA SER A 224 -8.45 -8.35 -3.37
C SER A 224 -8.49 -8.99 -4.76
N LEU A 225 -7.36 -9.57 -5.19
CA LEU A 225 -7.33 -10.27 -6.47
C LEU A 225 -8.40 -11.36 -6.52
N SER A 226 -8.50 -12.16 -5.46
CA SER A 226 -9.42 -13.30 -5.48
C SER A 226 -10.85 -12.83 -5.69
N GLN A 227 -11.19 -11.69 -5.09
CA GLN A 227 -12.54 -11.15 -5.27
C GLN A 227 -12.75 -10.55 -6.66
N ARG A 228 -11.77 -9.81 -7.16
CA ARG A 228 -11.88 -9.21 -8.48
C ARG A 228 -12.10 -10.28 -9.55
N HIS A 229 -11.35 -11.37 -9.46
CA HIS A 229 -11.49 -12.45 -10.44
C HIS A 229 -12.89 -13.06 -10.39
N GLN A 230 -13.39 -13.33 -9.18
CA GLN A 230 -14.76 -13.86 -9.12
C GLN A 230 -15.79 -12.84 -9.63
N LYS A 231 -15.56 -11.55 -9.42
CA LYS A 231 -16.49 -10.52 -9.92
C LYS A 231 -16.46 -10.46 -11.45
N ASP A 232 -15.27 -10.60 -12.04
CA ASP A 232 -15.11 -10.62 -13.51
C ASP A 232 -15.93 -11.77 -14.08
N LEU A 233 -15.87 -12.93 -13.44
CA LEU A 233 -16.59 -14.12 -13.92
C LEU A 233 -18.10 -13.94 -13.77
N TYR A 234 -18.53 -13.41 -12.63
CA TYR A 234 -19.95 -13.19 -12.38
C TYR A 234 -20.53 -12.22 -13.40
N ARG A 235 -19.83 -11.12 -13.65
CA ARG A 235 -20.29 -10.13 -14.60
C ARG A 235 -20.41 -10.73 -16.00
N TYR A 236 -19.44 -11.56 -16.40
CA TYR A 236 -19.51 -12.18 -17.72
C TYR A 236 -20.68 -13.16 -17.80
N ARG A 237 -20.86 -14.00 -16.76
CA ARG A 237 -21.93 -15.00 -16.80
C ARG A 237 -23.30 -14.34 -16.74
N ARG A 238 -23.39 -13.16 -16.10
CA ARG A 238 -24.64 -12.41 -16.06
C ARG A 238 -24.98 -11.83 -17.42
N ASN A 239 -23.97 -11.50 -18.23
CA ASN A 239 -24.25 -11.01 -19.57
C ASN A 239 -23.03 -11.24 -20.48
N PHE A 240 -23.12 -12.28 -21.30
CA PHE A 240 -22.00 -12.65 -22.16
C PHE A 240 -21.58 -11.49 -23.06
N ASP A 241 -22.52 -10.61 -23.45
CA ASP A 241 -22.17 -9.53 -24.35
C ASP A 241 -21.26 -8.48 -23.72
N ASP A 242 -21.01 -8.57 -22.41
CA ASP A 242 -20.06 -7.69 -21.74
C ASP A 242 -18.63 -8.22 -21.80
N PHE A 243 -18.39 -9.34 -22.49
CA PHE A 243 -17.05 -9.93 -22.57
C PHE A 243 -15.99 -8.90 -22.91
N ASN A 244 -16.20 -8.15 -23.99
CA ASN A 244 -15.17 -7.23 -24.46
C ASN A 244 -14.88 -6.14 -23.44
N ARG A 245 -15.90 -5.73 -22.66
CA ARG A 245 -15.69 -4.67 -21.68
C ARG A 245 -15.06 -5.25 -20.43
N ILE A 246 -15.40 -6.49 -20.07
CA ILE A 246 -14.85 -7.05 -18.84
C ILE A 246 -13.40 -7.42 -19.04
N PHE A 247 -13.08 -7.93 -20.23
CA PHE A 247 -11.78 -8.47 -20.58
C PHE A 247 -11.30 -7.79 -21.85
N PRO A 248 -10.84 -6.53 -21.76
CA PRO A 248 -10.57 -5.76 -22.99
C PRO A 248 -9.42 -6.35 -23.78
N PRO A 249 -9.51 -6.32 -25.11
CA PRO A 249 -8.43 -6.82 -25.96
C PRO A 249 -7.29 -5.83 -26.03
N ASN A 250 -6.08 -6.36 -26.18
CA ASN A 250 -4.87 -5.56 -26.41
C ASN A 250 -4.10 -6.16 -27.58
N PRO A 251 -4.65 -6.07 -28.79
CA PRO A 251 -4.03 -6.76 -29.93
C PRO A 251 -2.72 -6.09 -30.34
N GLY A 252 -1.88 -6.89 -30.99
CA GLY A 252 -0.58 -6.42 -31.45
C GLY A 252 0.48 -7.43 -31.06
N VAL A 253 1.51 -6.98 -30.35
CA VAL A 253 2.57 -7.88 -29.89
C VAL A 253 1.98 -9.04 -29.11
N SER A 254 0.98 -8.74 -28.28
CA SER A 254 0.42 -9.78 -27.39
C SER A 254 -0.04 -10.99 -28.19
N CYS A 255 -0.58 -10.79 -29.39
CA CYS A 255 -1.21 -11.87 -30.12
C CYS A 255 -0.22 -12.92 -30.59
N ARG A 256 1.06 -12.56 -30.75
CA ARG A 256 2.04 -13.51 -31.27
C ARG A 256 2.14 -14.76 -30.41
N TYR A 257 1.96 -14.63 -29.10
CA TYR A 257 2.07 -15.75 -28.17
C TYR A 257 0.77 -15.97 -27.42
N CYS A 258 -0.34 -16.02 -28.16
CA CYS A 258 -1.66 -16.21 -27.57
C CYS A 258 -2.34 -17.43 -28.18
N ALA A 259 -2.89 -18.30 -27.32
CA ALA A 259 -3.48 -19.55 -27.82
C ALA A 259 -4.74 -19.32 -28.64
N PHE A 260 -5.33 -18.12 -28.59
CA PHE A 260 -6.67 -17.87 -29.10
C PHE A 260 -6.69 -16.98 -30.35
N ASN A 261 -5.56 -16.80 -31.03
CA ASN A 261 -5.56 -15.93 -32.20
C ASN A 261 -6.49 -16.47 -33.30
N SER A 262 -6.71 -17.78 -33.37
CA SER A 262 -7.53 -18.35 -34.43
C SER A 262 -9.01 -18.11 -34.21
N ILE A 263 -9.41 -17.74 -33.01
CA ILE A 263 -10.82 -17.50 -32.70
C ILE A 263 -11.11 -16.08 -32.24
N CYS A 264 -10.11 -15.35 -31.77
CA CYS A 264 -10.36 -14.02 -31.23
C CYS A 264 -10.74 -13.03 -32.33
N LYS A 265 -11.78 -12.26 -32.08
CA LYS A 265 -12.25 -11.31 -33.07
C LYS A 265 -11.27 -10.15 -33.27
N PHE A 266 -10.33 -9.96 -32.35
CA PHE A 266 -9.40 -8.85 -32.41
C PHE A 266 -7.99 -9.28 -32.75
N ALA A 267 -7.77 -10.55 -33.07
CA ALA A 267 -6.42 -11.05 -33.31
C ALA A 267 -5.77 -10.29 -34.47
N MET A 268 -4.48 -10.04 -34.30
CA MET A 268 -3.64 -9.45 -35.34
C MET A 268 -2.68 -10.54 -35.83
N SER B 1 22.18 31.19 0.01
CA SER B 1 22.80 30.23 -0.95
C SER B 1 22.80 28.80 -0.43
N ALA B 2 22.09 28.57 0.68
CA ALA B 2 22.02 27.23 1.24
C ALA B 2 21.05 26.37 0.42
N PRO B 3 21.26 25.06 0.40
CA PRO B 3 20.37 24.19 -0.40
C PRO B 3 18.95 24.15 0.16
N LYS B 4 18.00 23.89 -0.72
CA LYS B 4 16.62 23.74 -0.31
C LYS B 4 16.49 22.53 0.60
N ILE B 5 15.56 22.62 1.54
CA ILE B 5 15.31 21.56 2.50
C ILE B 5 14.01 20.90 2.10
N TRP B 6 14.07 19.62 1.71
CA TRP B 6 12.86 18.88 1.34
C TRP B 6 12.24 18.21 2.54
N GLU B 7 13.04 17.81 3.53
CA GLU B 7 12.50 17.12 4.70
C GLU B 7 11.54 18.03 5.45
N PHE B 8 10.37 17.49 5.78
CA PHE B 8 9.43 18.26 6.56
C PHE B 8 8.60 17.33 7.43
N ALA B 9 8.01 17.94 8.45
CA ALA B 9 7.09 17.25 9.34
C ALA B 9 5.96 18.19 9.74
N SER B 10 4.85 17.58 10.11
CA SER B 10 3.65 18.28 10.55
C SER B 10 2.72 17.25 11.18
N TYR B 11 1.69 17.74 11.86
CA TYR B 11 0.66 16.85 12.44
C TYR B 11 -0.02 16.12 11.29
N ASN B 12 -0.35 16.80 10.21
CA ASN B 12 -1.03 16.15 9.10
C ASN B 12 -0.21 14.99 8.56
N LEU B 13 1.08 15.23 8.32
CA LEU B 13 1.90 14.14 7.79
C LEU B 13 1.95 12.97 8.76
N LEU B 14 2.24 13.27 10.02
CA LEU B 14 2.28 12.23 11.04
C LEU B 14 1.00 11.40 11.02
N SER B 15 -0.15 12.06 10.95
CA SER B 15 -1.47 11.40 11.00
C SER B 15 -1.61 10.46 9.79
N LEU B 16 -1.07 10.81 8.63
CA LEU B 16 -1.13 9.90 7.48
C LEU B 16 -0.25 8.66 7.64
N PHE B 17 0.70 8.70 8.58
CA PHE B 17 1.45 7.49 8.91
C PHE B 17 0.86 6.71 10.09
N SER B 18 0.60 7.40 11.18
CA SER B 18 0.15 6.79 12.45
C SER B 18 -1.14 7.47 12.88
N PRO B 19 -2.30 6.83 12.64
CA PRO B 19 -3.56 7.51 12.92
C PRO B 19 -3.81 7.74 14.42
N ALA B 20 -4.65 8.70 14.76
CA ALA B 20 -5.05 8.94 16.15
C ALA B 20 -5.85 7.72 16.60
N LEU B 23 -8.92 6.85 15.16
CA LEU B 23 -9.32 6.70 13.73
C LEU B 23 -8.41 5.68 13.02
N GLU B 24 -7.91 4.68 13.73
CA GLU B 24 -7.01 3.64 13.19
C GLU B 24 -7.76 2.74 12.20
N HIS B 25 -9.09 2.74 12.25
CA HIS B 25 -9.92 1.85 11.40
C HIS B 25 -9.91 2.35 9.95
N LEU B 26 -9.65 3.63 9.74
CA LEU B 26 -9.69 4.23 8.38
C LEU B 26 -8.26 4.42 7.85
N HIS B 27 -7.23 4.00 8.59
CA HIS B 27 -5.88 4.25 8.11
C HIS B 27 -5.57 3.39 6.90
N CYS B 28 -4.95 4.00 5.90
CA CYS B 28 -4.51 3.27 4.71
C CYS B 28 -3.23 3.91 4.20
N ASP B 29 -2.14 3.15 4.13
CA ASP B 29 -0.91 3.77 3.62
C ASP B 29 -1.01 4.11 2.15
N MET B 30 -1.74 3.30 1.38
CA MET B 30 -1.89 3.62 -0.05
C MET B 30 -2.56 4.98 -0.24
N LYS B 31 -3.48 5.35 0.67
CA LYS B 31 -4.05 6.69 0.59
C LYS B 31 -2.98 7.78 0.68
N ARG B 32 -1.96 7.59 1.53
CA ARG B 32 -0.85 8.54 1.62
C ARG B 32 0.00 8.51 0.34
N GLY B 33 0.18 7.33 -0.24
CA GLY B 33 0.87 7.24 -1.52
C GLY B 33 0.20 8.08 -2.59
N PHE B 34 -1.12 8.01 -2.69
CA PHE B 34 -1.84 8.86 -3.65
C PHE B 34 -1.71 10.33 -3.27
N THR B 35 -1.90 10.66 -1.99
CA THR B 35 -2.00 12.04 -1.56
C THR B 35 -0.68 12.78 -1.74
N LYS B 36 0.44 12.10 -1.49
CA LYS B 36 1.78 12.73 -1.49
C LYS B 36 2.64 12.31 -2.68
N ALA B 37 2.74 11.03 -2.99
CA ALA B 37 3.67 10.56 -4.05
C ALA B 37 3.05 10.71 -5.45
N ARG B 38 1.73 10.59 -5.61
CA ARG B 38 1.16 10.58 -6.94
C ARG B 38 0.27 11.80 -7.20
N ARG B 39 0.37 12.83 -6.35
CA ARG B 39 -0.60 13.91 -6.37
C ARG B 39 -0.64 14.70 -7.67
N ARG B 40 0.46 14.73 -8.42
CA ARG B 40 0.49 15.49 -9.67
CA ARG B 40 0.49 15.49 -9.67
C ARG B 40 -0.12 14.74 -10.84
N GLU B 41 -0.26 13.42 -10.76
CA GLU B 41 -0.89 12.68 -11.84
C GLU B 41 -2.30 13.20 -12.06
N PRO B 42 -2.68 13.52 -13.29
CA PRO B 42 -3.97 14.22 -13.49
C PRO B 42 -5.16 13.53 -12.83
N GLN B 43 -5.25 12.21 -12.96
CA GLN B 43 -6.41 11.49 -12.42
C GLN B 43 -6.44 11.51 -10.91
N VAL B 44 -5.29 11.71 -10.27
CA VAL B 44 -5.20 11.88 -8.83
C VAL B 44 -5.44 13.32 -8.43
N ALA B 45 -4.80 14.26 -9.13
CA ALA B 45 -4.97 15.68 -8.83
C ALA B 45 -6.42 16.09 -8.86
N GLU B 46 -7.17 15.62 -9.87
CA GLU B 46 -8.55 16.06 -9.99
C GLU B 46 -9.43 15.49 -8.89
N LEU B 47 -8.98 14.46 -8.17
CA LEU B 47 -9.72 13.94 -7.03
C LEU B 47 -9.32 14.61 -5.73
N LEU B 48 -8.15 15.27 -5.69
CA LEU B 48 -7.71 15.96 -4.50
C LEU B 48 -8.40 17.32 -4.34
N GLN B 49 -8.90 17.89 -5.44
CA GLN B 49 -9.54 19.20 -5.35
C GLN B 49 -10.83 19.14 -4.53
N LYS B 50 -11.59 18.06 -4.66
CA LYS B 50 -12.85 17.95 -3.94
C LYS B 50 -12.62 18.14 -2.44
N ASP B 51 -13.39 19.04 -1.84
CA ASP B 51 -13.24 19.39 -0.43
C ASP B 51 -14.27 18.65 0.43
N ASN B 52 -13.91 18.46 1.69
CA ASN B 52 -14.73 17.70 2.61
C ASN B 52 -15.67 18.66 3.31
N ILE B 53 -16.87 18.16 3.61
CA ILE B 53 -17.81 18.95 4.40
C ILE B 53 -17.19 19.22 5.76
N HIS B 54 -16.49 18.22 6.29
CA HIS B 54 -15.87 18.37 7.59
C HIS B 54 -14.77 19.42 7.55
N GLN B 55 -13.97 19.44 6.48
CA GLN B 55 -12.98 20.50 6.33
C GLN B 55 -13.66 21.85 6.16
N ARG B 56 -14.76 21.90 5.40
CA ARG B 56 -15.51 23.14 5.19
C ARG B 56 -16.00 23.71 6.51
N ILE B 57 -16.67 22.87 7.32
CA ILE B 57 -17.16 23.34 8.60
C ILE B 57 -16.00 23.85 9.45
N GLY B 58 -14.86 23.17 9.38
CA GLY B 58 -13.72 23.61 10.17
C GLY B 58 -13.20 24.96 9.73
N ILE B 59 -13.03 25.14 8.42
CA ILE B 59 -12.60 26.43 7.89
C ILE B 59 -13.60 27.51 8.28
N LEU B 60 -14.89 27.24 8.08
CA LEU B 60 -15.90 28.23 8.39
C LEU B 60 -15.97 28.51 9.88
N ALA B 61 -15.70 27.50 10.71
CA ALA B 61 -15.73 27.71 12.16
C ALA B 61 -14.63 28.67 12.59
N GLN B 62 -13.40 28.47 12.09
CA GLN B 62 -12.32 29.39 12.43
C GLN B 62 -12.67 30.79 11.97
N ARG B 63 -13.10 30.93 10.71
CA ARG B 63 -13.52 32.23 10.22
CA ARG B 63 -13.51 32.23 10.22
C ARG B 63 -14.60 32.82 11.09
N GLY B 64 -15.55 31.99 11.53
CA GLY B 64 -16.67 32.45 12.30
C GLY B 64 -16.29 33.00 13.66
N ILE B 65 -15.41 32.29 14.38
CA ILE B 65 -14.92 32.80 15.66
C ILE B 65 -14.16 34.10 15.46
N TYR B 66 -13.29 34.15 14.45
CA TYR B 66 -12.55 35.36 14.16
C TYR B 66 -13.50 36.52 13.88
N GLU B 67 -14.49 36.29 13.02
CA GLU B 67 -15.38 37.39 12.65
C GLU B 67 -16.28 37.79 13.81
N PHE B 68 -16.77 36.80 14.58
CA PHE B 68 -17.55 37.11 15.78
C PHE B 68 -16.72 37.97 16.74
N TYR B 69 -15.48 37.58 16.99
CA TYR B 69 -14.64 38.38 17.86
C TYR B 69 -14.51 39.81 17.35
N GLN B 70 -14.26 39.96 16.04
CA GLN B 70 -14.06 41.30 15.50
C GLN B 70 -15.26 42.19 15.78
N THR B 71 -16.47 41.66 15.60
CA THR B 71 -17.71 42.44 15.76
C THR B 71 -17.94 42.75 17.24
N SER B 72 -17.51 41.87 18.12
CA SER B 72 -17.70 42.01 19.59
C SER B 72 -16.92 43.21 20.12
N LEU B 73 -15.81 43.58 19.47
CA LEU B 73 -14.96 44.72 19.89
C LEU B 73 -15.72 45.99 19.52
N ILE B 74 -16.38 46.02 18.37
CA ILE B 74 -17.22 47.18 17.94
C ILE B 74 -18.63 46.92 18.43
N ALA B 75 -18.86 47.01 19.73
CA ALA B 75 -20.17 46.72 20.33
C ALA B 75 -21.17 47.82 19.96
N ASP B 76 -21.84 47.69 18.82
CA ASP B 76 -22.88 48.65 18.36
C ASP B 76 -24.26 48.10 18.74
N GLY B 77 -24.31 46.97 19.46
CA GLY B 77 -25.58 46.36 19.91
C GLY B 77 -26.21 45.45 18.85
N LYS B 78 -25.58 45.30 17.69
CA LYS B 78 -26.14 44.47 16.58
C LYS B 78 -26.02 43.00 16.95
N ASP B 79 -26.80 42.12 16.32
CA ASP B 79 -26.69 40.69 16.58
C ASP B 79 -25.41 40.15 15.95
N ALA B 80 -24.42 39.82 16.79
CA ALA B 80 -23.15 39.34 16.27
C ALA B 80 -23.30 38.04 15.49
N ILE B 81 -24.27 37.20 15.86
CA ILE B 81 -24.45 35.93 15.16
C ILE B 81 -24.91 36.19 13.73
N ALA B 82 -25.92 37.04 13.54
CA ALA B 82 -26.40 37.32 12.19
C ALA B 82 -25.34 38.05 11.36
N GLN B 83 -24.63 38.99 11.96
CA GLN B 83 -23.54 39.71 11.28
C GLN B 83 -22.50 38.70 10.79
N THR B 84 -22.07 37.79 11.66
CA THR B 84 -21.06 36.83 11.28
C THR B 84 -21.58 35.89 10.20
N ALA B 85 -22.82 35.41 10.35
CA ALA B 85 -23.38 34.51 9.36
C ALA B 85 -23.43 35.16 8.00
N GLU B 86 -23.72 36.46 7.96
CA GLU B 86 -23.76 37.17 6.69
C GLU B 86 -22.37 37.29 6.09
N ILE B 87 -21.35 37.59 6.92
CA ILE B 87 -19.98 37.64 6.42
C ILE B 87 -19.56 36.28 5.86
N LEU B 88 -19.90 35.20 6.56
CA LEU B 88 -19.55 33.85 6.13
C LEU B 88 -20.39 33.36 4.96
N GLN B 89 -21.44 34.10 4.59
CA GLN B 89 -22.33 33.72 3.49
C GLN B 89 -22.89 32.31 3.72
N LEU B 90 -23.31 32.06 4.96
CA LEU B 90 -23.89 30.77 5.27
C LEU B 90 -25.15 30.48 4.46
N SER B 91 -25.85 31.52 3.96
CA SER B 91 -27.05 31.26 3.17
C SER B 91 -26.75 30.46 1.91
N GLN B 92 -25.51 30.48 1.44
CA GLN B 92 -25.06 29.78 0.24
C GLN B 92 -24.54 28.37 0.51
N GLU B 93 -24.39 27.99 1.78
CA GLU B 93 -23.87 26.68 2.11
C GLU B 93 -25.01 25.65 2.14
N VAL B 94 -24.62 24.38 2.05
CA VAL B 94 -25.57 23.30 2.30
C VAL B 94 -26.17 23.51 3.69
N ASP B 95 -27.47 23.19 3.84
CA ASP B 95 -28.15 23.54 5.08
C ASP B 95 -27.54 22.87 6.31
N SER B 96 -27.06 21.63 6.19
CA SER B 96 -26.39 21.00 7.33
C SER B 96 -25.16 21.78 7.77
N VAL B 97 -24.41 22.31 6.80
CA VAL B 97 -23.25 23.13 7.14
C VAL B 97 -23.70 24.41 7.85
N ARG B 98 -24.72 25.08 7.31
CA ARG B 98 -25.24 26.28 7.94
C ARG B 98 -25.63 26.04 9.40
N ILE B 99 -26.40 24.99 9.68
CA ILE B 99 -26.88 24.85 11.06
C ILE B 99 -25.75 24.45 11.99
N LYS B 100 -24.72 23.78 11.48
CA LYS B 100 -23.59 23.45 12.35
C LYS B 100 -22.76 24.69 12.66
N VAL B 101 -22.53 25.53 11.66
CA VAL B 101 -21.82 26.76 11.93
C VAL B 101 -22.65 27.66 12.83
N LEU B 102 -23.96 27.73 12.60
CA LEU B 102 -24.80 28.55 13.47
CA LEU B 102 -24.80 28.55 13.47
C LEU B 102 -24.73 28.04 14.91
N GLN B 103 -24.70 26.72 15.10
CA GLN B 103 -24.58 26.20 16.46
C GLN B 103 -23.28 26.65 17.08
N ILE B 104 -22.19 26.63 16.29
CA ILE B 104 -20.89 27.06 16.79
C ILE B 104 -20.93 28.52 17.21
N LEU B 105 -21.61 29.36 16.43
CA LEU B 105 -21.71 30.77 16.78
C LEU B 105 -22.58 30.99 18.02
N GLU B 106 -23.69 30.26 18.13
CA GLU B 106 -24.51 30.32 19.34
C GLU B 106 -23.71 29.90 20.57
N ASN B 107 -22.95 28.79 20.44
CA ASN B 107 -22.11 28.35 21.54
C ASN B 107 -21.14 29.44 21.94
N TYR B 108 -20.49 30.08 20.95
CA TYR B 108 -19.54 31.12 21.30
C TYR B 108 -20.24 32.30 21.99
N HIS B 109 -21.38 32.74 21.46
CA HIS B 109 -22.13 33.82 22.09
C HIS B 109 -22.36 33.52 23.56
N HIS B 110 -22.68 32.27 23.88
CA HIS B 110 -22.91 31.90 25.28
C HIS B 110 -21.62 31.62 26.07
N ASN B 111 -20.51 31.33 25.40
CA ASN B 111 -19.24 31.00 26.05
C ASN B 111 -18.12 31.75 25.31
N GLN B 112 -18.07 33.07 25.49
CA GLN B 112 -17.11 33.92 24.78
C GLN B 112 -15.75 33.84 25.45
N PHE B 113 -15.02 32.78 25.14
CA PHE B 113 -13.74 32.50 25.80
C PHE B 113 -12.64 33.46 25.38
N LEU B 114 -12.91 34.37 24.43
CA LEU B 114 -11.90 35.36 24.06
C LEU B 114 -12.17 36.74 24.64
N ALA B 115 -13.32 36.94 25.29
CA ALA B 115 -13.79 38.29 25.59
C ALA B 115 -12.85 39.01 26.54
N SER B 116 -12.46 38.36 27.62
CA SER B 116 -11.67 39.02 28.66
C SER B 116 -10.17 38.80 28.48
N LYS B 117 -9.74 38.17 27.41
CA LYS B 117 -8.39 37.66 27.29
C LYS B 117 -7.50 38.58 26.47
N LYS B 118 -6.20 38.47 26.70
CA LYS B 118 -5.21 39.13 25.86
C LYS B 118 -4.93 38.21 24.67
N ILE B 119 -5.34 38.63 23.48
CA ILE B 119 -5.18 37.82 22.29
C ILE B 119 -3.80 38.09 21.70
N ILE B 120 -2.95 37.06 21.69
CA ILE B 120 -1.67 37.16 20.98
C ILE B 120 -1.84 36.87 19.51
N LYS B 121 -2.63 35.84 19.17
CA LYS B 121 -2.86 35.43 17.80
C LYS B 121 -4.25 34.85 17.68
N LEU B 122 -4.97 35.24 16.62
CA LEU B 122 -6.23 34.61 16.26
C LEU B 122 -6.30 34.60 14.74
N SER B 123 -6.21 33.42 14.14
CA SER B 123 -6.16 33.31 12.69
C SER B 123 -7.50 33.71 12.10
N ARG B 124 -7.44 34.36 10.95
CA ARG B 124 -8.64 34.78 10.25
C ARG B 124 -9.36 33.63 9.59
N GLY B 125 -8.70 32.48 9.44
CA GLY B 125 -9.28 31.34 8.77
C GLY B 125 -9.03 31.26 7.28
N ASP B 126 -8.29 32.20 6.69
CA ASP B 126 -8.00 32.18 5.27
C ASP B 126 -6.51 32.12 4.98
N GLU B 127 -5.69 31.85 5.99
CA GLU B 127 -4.25 31.79 5.77
C GLU B 127 -3.90 30.55 4.96
N GLY B 128 -2.73 30.61 4.32
CA GLY B 128 -2.16 29.44 3.69
C GLY B 128 -1.39 28.60 4.70
N PHE B 129 -0.38 27.89 4.22
CA PHE B 129 0.46 27.13 5.12
C PHE B 129 1.29 28.09 5.96
N PRO B 130 1.57 27.75 7.22
CA PRO B 130 2.43 28.63 8.02
C PRO B 130 3.84 28.63 7.48
N GLU B 131 4.59 29.67 7.82
CA GLU B 131 6.01 29.67 7.52
C GLU B 131 6.67 28.52 8.27
N PRO B 132 7.60 27.79 7.65
CA PRO B 132 8.23 26.66 8.32
C PRO B 132 9.22 27.09 9.39
N ILE B 133 9.38 26.24 10.38
CA ILE B 133 10.45 26.36 11.38
C ILE B 133 11.55 25.41 10.95
N LEU B 134 12.75 25.93 10.74
CA LEU B 134 13.86 25.11 10.28
C LEU B 134 14.62 24.57 11.48
N ILE B 135 14.65 23.24 11.62
CA ILE B 135 15.17 22.55 12.79
C ILE B 135 16.31 21.65 12.38
N GLN B 136 17.44 21.77 13.08
CA GLN B 136 18.55 20.82 12.95
C GLN B 136 18.44 19.81 14.09
N GLN B 137 18.33 18.52 13.75
CA GLN B 137 18.26 17.44 14.71
C GLN B 137 19.26 16.37 14.28
N GLY B 138 20.32 16.20 15.05
CA GLY B 138 21.39 15.32 14.63
C GLY B 138 21.95 15.85 13.32
N ASN B 139 22.12 14.94 12.35
CA ASN B 139 22.60 15.29 11.04
C ASN B 139 21.46 15.58 10.06
N ASN B 140 20.23 15.73 10.55
CA ASN B 140 19.09 16.00 9.69
C ASN B 140 18.64 17.44 9.88
N THR B 141 18.23 18.08 8.80
CA THR B 141 17.58 19.39 8.87
C THR B 141 16.20 19.23 8.29
N PHE B 142 15.18 19.71 9.01
CA PHE B 142 13.83 19.55 8.49
C PHE B 142 12.99 20.76 8.84
N LYS B 143 11.91 20.93 8.06
CA LYS B 143 10.95 22.00 8.27
C LYS B 143 9.76 21.47 9.06
N LEU B 144 9.42 22.16 10.14
CA LEU B 144 8.24 21.86 10.93
C LEU B 144 7.15 22.88 10.58
N TYR B 145 5.99 22.38 10.13
CA TYR B 145 4.82 23.21 9.85
C TYR B 145 3.82 23.02 10.98
N ALA B 146 3.43 24.10 11.64
CA ALA B 146 2.48 24.05 12.76
C ALA B 146 1.72 25.37 12.79
N ALA B 147 0.44 25.33 12.42
CA ALA B 147 -0.40 26.53 12.41
C ALA B 147 -1.02 26.72 13.80
N MET B 148 -0.71 27.82 14.47
CA MET B 148 -1.37 28.14 15.72
C MET B 148 -2.39 29.23 15.46
N ASP B 149 -3.64 28.83 15.40
CA ASP B 149 -4.76 29.70 15.09
C ASP B 149 -5.32 30.42 16.31
N CYS B 150 -4.99 30.01 17.55
CA CYS B 150 -5.44 30.78 18.71
C CYS B 150 -4.43 30.69 19.85
N VAL B 151 -3.87 31.84 20.19
CA VAL B 151 -2.89 31.99 21.27
C VAL B 151 -3.32 33.14 22.17
N LEU B 152 -3.50 32.84 23.45
CA LEU B 152 -3.88 33.78 24.48
C LEU B 152 -2.70 33.97 25.41
N GLN B 153 -2.64 35.12 26.07
CA GLN B 153 -1.64 35.39 27.08
C GLN B 153 -2.35 35.57 28.42
N GLU B 154 -1.97 34.76 29.40
CA GLU B 154 -2.55 34.81 30.72
C GLU B 154 -1.84 35.87 31.57
N GLU B 155 -2.40 36.14 32.76
CA GLU B 155 -1.90 37.26 33.56
C GLU B 155 -0.45 37.09 33.96
N ASP B 156 -0.01 35.86 34.25
CA ASP B 156 1.38 35.64 34.64
C ASP B 156 2.30 35.55 33.43
N GLY B 157 1.80 35.86 32.24
CA GLY B 157 2.59 35.84 31.04
C GLY B 157 2.55 34.53 30.27
N THR B 158 1.98 33.48 30.84
CA THR B 158 1.97 32.18 30.19
C THR B 158 1.12 32.22 28.92
N LEU B 159 1.65 31.64 27.84
CA LEU B 159 0.90 31.58 26.59
C LEU B 159 0.05 30.32 26.58
N HIS B 160 -1.21 30.48 26.17
CA HIS B 160 -2.17 29.38 26.10
C HIS B 160 -2.55 29.19 24.64
N ILE B 161 -2.11 28.07 24.07
CA ILE B 161 -2.40 27.71 22.69
C ILE B 161 -3.67 26.88 22.70
N VAL B 162 -4.67 27.33 21.96
CA VAL B 162 -5.97 26.67 21.95
C VAL B 162 -6.21 26.13 20.54
N ASP B 163 -6.40 24.82 20.45
CA ASP B 163 -6.71 24.16 19.18
C ASP B 163 -8.22 23.95 19.11
N PHE B 164 -8.83 24.52 18.07
CA PHE B 164 -10.27 24.40 17.86
C PHE B 164 -10.62 23.11 17.11
N LYS B 165 -11.56 22.35 17.65
CA LYS B 165 -12.04 21.14 17.03
C LYS B 165 -13.53 21.27 16.70
N THR B 166 -13.95 20.54 15.67
CA THR B 166 -15.35 20.38 15.33
C THR B 166 -15.61 18.90 15.07
N GLY B 167 -16.88 18.54 15.10
CA GLY B 167 -17.25 17.18 14.81
C GLY B 167 -17.12 16.26 16.01
N LYS B 168 -17.03 14.97 15.70
CA LYS B 168 -17.03 13.91 16.70
C LYS B 168 -15.62 13.43 17.00
N SER B 169 -14.63 14.05 16.38
CA SER B 169 -13.25 13.62 16.50
C SER B 169 -12.75 13.70 17.93
N ASP B 170 -11.94 12.71 18.31
CA ASP B 170 -11.24 12.71 19.59
C ASP B 170 -9.99 13.58 19.50
N PHE B 171 -9.59 14.12 20.65
CA PHE B 171 -8.37 14.92 20.73
C PHE B 171 -7.13 14.03 20.63
N ASP B 172 -6.16 14.39 19.80
CA ASP B 172 -4.88 13.66 19.69
C ASP B 172 -3.82 14.52 20.36
N ARG B 173 -3.31 14.12 21.53
CA ARG B 173 -2.39 14.98 22.27
C ARG B 173 -1.03 15.13 21.59
N ARG B 174 -0.73 14.27 20.63
CA ARG B 174 0.50 14.45 19.82
C ARG B 174 0.44 15.82 19.13
N GLN B 175 -0.74 16.29 18.77
CA GLN B 175 -0.88 17.60 18.12
C GLN B 175 -0.56 18.71 19.13
N ALA B 176 -0.98 18.55 20.37
CA ALA B 176 -0.63 19.53 21.40
C ALA B 176 0.87 19.62 21.58
N TYR B 177 1.54 18.46 21.56
CA TYR B 177 2.99 18.48 21.73
C TYR B 177 3.68 19.12 20.52
N ILE B 178 3.12 18.94 19.31
CA ILE B 178 3.64 19.67 18.15
C ILE B 178 3.53 21.17 18.37
N TYR B 179 2.40 21.63 18.90
CA TYR B 179 2.19 23.06 19.14
C TYR B 179 3.17 23.55 20.21
N LEU B 180 3.39 22.78 21.26
CA LEU B 180 4.31 23.21 22.31
C LEU B 180 5.74 23.25 21.79
N LEU B 181 6.10 22.28 20.94
CA LEU B 181 7.41 22.31 20.33
C LEU B 181 7.57 23.55 19.46
N ALA B 182 6.60 23.80 18.58
CA ALA B 182 6.66 24.98 17.73
C ALA B 182 6.76 26.24 18.58
N ALA B 183 6.00 26.31 19.68
CA ALA B 183 6.05 27.50 20.51
C ALA B 183 7.42 27.75 21.11
N SER B 184 8.20 26.68 21.36
CA SER B 184 9.57 26.89 21.85
C SER B 184 10.45 27.63 20.84
N TYR B 185 10.06 27.63 19.57
CA TYR B 185 10.76 28.38 18.52
C TYR B 185 10.10 29.73 18.21
N ILE B 186 8.77 29.78 18.19
CA ILE B 186 8.06 31.02 17.87
C ILE B 186 8.06 31.97 19.06
N TYR B 187 7.89 31.43 20.27
CA TYR B 187 7.80 32.20 21.50
C TYR B 187 8.92 31.72 22.43
N PRO B 188 10.17 31.90 22.02
CA PRO B 188 11.27 31.41 22.84
C PRO B 188 11.27 32.18 24.15
N GLN B 189 11.60 31.48 25.22
CA GLN B 189 11.73 32.07 26.55
C GLN B 189 10.38 32.49 27.12
N GLN B 190 9.31 31.85 26.68
CA GLN B 190 7.97 32.11 27.19
C GLN B 190 7.37 30.77 27.62
N LYS B 191 6.78 30.75 28.80
CA LYS B 191 6.07 29.56 29.26
C LYS B 191 4.82 29.34 28.41
N ALA B 192 4.50 28.08 28.12
CA ALA B 192 3.37 27.76 27.26
C ALA B 192 2.60 26.55 27.74
N VAL B 193 1.30 26.57 27.47
CA VAL B 193 0.38 25.47 27.75
C VAL B 193 -0.53 25.32 26.52
N ALA B 194 -1.02 24.11 26.30
CA ALA B 194 -1.86 23.83 25.14
C ALA B 194 -3.13 23.14 25.59
N SER B 195 -4.23 23.38 24.87
CA SER B 195 -5.44 22.63 25.15
C SER B 195 -6.27 22.57 23.88
N PHE B 196 -7.27 21.66 23.91
CA PHE B 196 -8.25 21.50 22.85
C PHE B 196 -9.60 22.03 23.31
N TYR B 197 -10.35 22.60 22.38
CA TYR B 197 -11.71 23.04 22.64
C TYR B 197 -12.55 22.73 21.44
N ASN B 198 -13.60 21.94 21.62
CA ASN B 198 -14.52 21.60 20.55
C ASN B 198 -15.57 22.69 20.47
N LEU B 199 -15.55 23.45 19.37
CA LEU B 199 -16.44 24.59 19.19
C LEU B 199 -17.90 24.17 19.08
N GLU B 200 -18.16 22.92 18.71
CA GLU B 200 -19.53 22.45 18.49
CA GLU B 200 -19.53 22.46 18.48
C GLU B 200 -20.17 21.87 19.72
N THR B 201 -19.39 21.13 20.52
CA THR B 201 -19.88 20.49 21.72
C THR B 201 -19.47 21.23 22.99
N CYS B 202 -18.50 22.16 22.91
CA CYS B 202 -17.92 22.91 24.02
C CYS B 202 -17.15 22.02 25.00
N GLN B 203 -16.79 20.81 24.61
CA GLN B 203 -15.91 19.96 25.42
C GLN B 203 -14.48 20.47 25.32
N GLN B 204 -13.75 20.38 26.43
CA GLN B 204 -12.39 20.88 26.51
C GLN B 204 -11.47 19.79 27.06
N SER B 205 -10.23 19.80 26.61
CA SER B 205 -9.23 18.93 27.21
C SER B 205 -8.68 19.59 28.46
N GLU B 206 -7.80 18.86 29.12
CA GLU B 206 -6.99 19.42 30.19
C GLU B 206 -5.95 20.37 29.59
N ARG B 207 -5.32 21.16 30.45
CA ARG B 207 -4.17 21.99 30.08
C ARG B 207 -2.95 21.09 29.97
N ILE B 208 -2.33 21.06 28.79
CA ILE B 208 -1.23 20.16 28.48
C ILE B 208 0.07 20.95 28.55
N ILE B 209 1.05 20.45 29.32
CA ILE B 209 2.38 21.06 29.38
C ILE B 209 3.43 20.01 29.03
N ALA B 210 4.59 20.47 28.60
CA ALA B 210 5.67 19.56 28.24
C ALA B 210 7.01 20.13 28.68
N SER B 211 7.77 19.34 29.42
CA SER B 211 9.10 19.75 29.80
C SER B 211 10.00 19.86 28.57
N SER B 212 11.12 20.56 28.75
CA SER B 212 12.07 20.68 27.65
C SER B 212 12.57 19.31 27.16
N SER B 213 12.71 18.35 28.08
CA SER B 213 13.19 17.03 27.70
CA SER B 213 13.19 17.03 27.70
C SER B 213 12.14 16.30 26.85
N ILE B 214 10.87 16.38 27.26
CA ILE B 214 9.81 15.73 26.49
C ILE B 214 9.70 16.34 25.10
N LEU B 215 9.87 17.66 25.00
CA LEU B 215 9.81 18.30 23.68
C LEU B 215 11.02 17.94 22.82
N LYS B 216 12.20 17.81 23.42
N LYS B 216 12.21 17.82 23.42
CA LYS B 216 13.37 17.41 22.64
CA LYS B 216 13.37 17.40 22.63
C LYS B 216 13.18 16.00 22.07
C LYS B 216 13.16 16.00 22.06
N SER B 217 12.60 15.09 22.87
CA SER B 217 12.37 13.73 22.36
C SER B 217 11.27 13.72 21.30
N PHE B 218 10.27 14.57 21.44
CA PHE B 218 9.28 14.66 20.38
C PHE B 218 9.91 15.19 19.09
N GLN B 219 10.81 16.17 19.21
CA GLN B 219 11.53 16.65 18.04
C GLN B 219 12.31 15.54 17.36
N VAL B 220 12.93 14.66 18.16
CA VAL B 220 13.60 13.47 17.60
C VAL B 220 12.61 12.65 16.78
N GLU B 221 11.41 12.41 17.31
N GLU B 221 11.40 12.42 17.32
CA GLU B 221 10.40 11.64 16.60
CA GLU B 221 10.41 11.64 16.58
C GLU B 221 10.00 12.30 15.27
C GLU B 221 10.01 12.30 15.26
N LEU B 222 9.80 13.62 15.29
CA LEU B 222 9.41 14.34 14.07
C LEU B 222 10.53 14.33 13.03
N SER B 223 11.77 14.43 13.49
CA SER B 223 12.89 14.34 12.57
C SER B 223 12.90 12.98 11.87
N SER B 224 12.69 11.91 12.62
CA SER B 224 12.63 10.58 12.02
C SER B 224 11.50 10.49 11.00
N LEU B 225 10.32 11.03 11.35
CA LEU B 225 9.22 11.09 10.40
C LEU B 225 9.64 11.79 9.10
N SER B 226 10.32 12.93 9.23
CA SER B 226 10.65 13.72 8.04
C SER B 226 11.52 12.91 7.09
N GLN B 227 12.44 12.12 7.66
CA GLN B 227 13.32 11.30 6.84
C GLN B 227 12.57 10.11 6.24
N ARG B 228 11.72 9.43 7.02
CA ARG B 228 10.96 8.30 6.50
C ARG B 228 10.10 8.72 5.31
N HIS B 229 9.45 9.88 5.41
CA HIS B 229 8.59 10.32 4.31
C HIS B 229 9.42 10.57 3.05
N GLN B 230 10.55 11.24 3.16
CA GLN B 230 11.41 11.49 1.98
C GLN B 230 11.91 10.14 1.44
N LYS B 231 12.20 9.15 2.29
CA LYS B 231 12.66 7.86 1.81
C LYS B 231 11.55 7.13 1.06
N ASP B 232 10.31 7.23 1.57
CA ASP B 232 9.12 6.65 0.91
C ASP B 232 9.01 7.21 -0.50
N LEU B 233 9.20 8.52 -0.67
CA LEU B 233 9.05 9.21 -1.98
C LEU B 233 10.19 8.80 -2.91
N TYR B 234 11.42 8.72 -2.38
CA TYR B 234 12.61 8.36 -3.17
C TYR B 234 12.44 6.93 -3.70
N ARG B 235 12.06 6.00 -2.82
CA ARG B 235 11.89 4.58 -3.21
C ARG B 235 10.83 4.47 -4.32
N TYR B 236 9.73 5.20 -4.22
CA TYR B 236 8.64 5.12 -5.23
C TYR B 236 9.14 5.68 -6.57
N ARG B 237 9.82 6.83 -6.53
CA ARG B 237 10.31 7.51 -7.76
C ARG B 237 11.43 6.68 -8.38
N ARG B 238 12.16 5.91 -7.56
CA ARG B 238 13.24 5.01 -8.05
C ARG B 238 12.59 3.89 -8.86
N ASN B 239 11.47 3.34 -8.38
CA ASN B 239 10.73 2.26 -9.07
C ASN B 239 9.23 2.45 -8.79
N PHE B 240 8.43 2.79 -9.79
CA PHE B 240 6.98 3.04 -9.61
C PHE B 240 6.26 1.73 -9.27
N ASP B 241 6.82 0.59 -9.68
CA ASP B 241 6.18 -0.70 -9.41
C ASP B 241 6.29 -1.12 -7.95
N ASP B 242 7.05 -0.39 -7.14
CA ASP B 242 7.07 -0.66 -5.71
C ASP B 242 5.96 0.06 -4.95
N PHE B 243 5.06 0.76 -5.66
CA PHE B 243 3.99 1.52 -4.99
C PHE B 243 3.26 0.70 -3.92
N ASN B 244 2.76 -0.49 -4.31
CA ASN B 244 1.96 -1.29 -3.39
C ASN B 244 2.77 -1.73 -2.17
N ARG B 245 4.08 -1.92 -2.33
CA ARG B 245 4.94 -2.32 -1.22
C ARG B 245 5.26 -1.13 -0.32
N ILE B 246 5.46 0.04 -0.92
CA ILE B 246 5.85 1.19 -0.12
C ILE B 246 4.66 1.75 0.63
N PHE B 247 3.50 1.70 -0.01
CA PHE B 247 2.25 2.28 0.50
C PHE B 247 1.17 1.20 0.48
N PRO B 248 1.21 0.24 1.40
CA PRO B 248 0.31 -0.92 1.30
C PRO B 248 -1.15 -0.54 1.44
N PRO B 249 -2.03 -1.19 0.68
CA PRO B 249 -3.46 -0.90 0.79
C PRO B 249 -4.08 -1.53 2.03
N ASN B 250 -5.10 -0.86 2.55
CA ASN B 250 -5.90 -1.39 3.64
C ASN B 250 -7.38 -1.22 3.30
N PRO B 251 -7.86 -1.95 2.29
CA PRO B 251 -9.23 -1.71 1.82
C PRO B 251 -10.25 -2.19 2.85
N GLY B 252 -11.44 -1.61 2.75
CA GLY B 252 -12.54 -1.93 3.64
C GLY B 252 -13.19 -0.66 4.11
N VAL B 253 -13.36 -0.50 5.43
CA VAL B 253 -13.97 0.71 5.99
C VAL B 253 -13.22 1.95 5.50
N SER B 254 -11.90 1.84 5.38
CA SER B 254 -11.10 3.00 5.00
C SER B 254 -11.56 3.60 3.67
N CYS B 255 -12.04 2.76 2.75
CA CYS B 255 -12.34 3.22 1.39
C CYS B 255 -13.55 4.15 1.33
N ARG B 256 -14.50 4.00 2.26
CA ARG B 256 -15.72 4.80 2.19
C ARG B 256 -15.41 6.29 2.22
N TYR B 257 -14.38 6.71 2.96
CA TYR B 257 -14.02 8.12 3.07
C TYR B 257 -12.64 8.37 2.47
N CYS B 258 -12.43 7.89 1.25
CA CYS B 258 -11.16 8.05 0.56
C CYS B 258 -11.39 8.71 -0.79
N ALA B 259 -10.60 9.73 -1.09
CA ALA B 259 -10.76 10.46 -2.35
C ALA B 259 -10.44 9.59 -3.56
N PHE B 260 -9.77 8.45 -3.38
CA PHE B 260 -9.21 7.71 -4.50
C PHE B 260 -9.94 6.40 -4.79
N ASN B 261 -11.22 6.28 -4.36
CA ASN B 261 -11.95 5.04 -4.58
C ASN B 261 -12.17 4.73 -6.05
N SER B 262 -12.30 5.76 -6.90
CA SER B 262 -12.62 5.56 -8.30
C SER B 262 -11.43 5.11 -9.13
N ILE B 263 -10.20 5.25 -8.62
CA ILE B 263 -9.01 4.88 -9.36
C ILE B 263 -8.20 3.80 -8.66
N CYS B 264 -8.33 3.63 -7.35
CA CYS B 264 -7.49 2.68 -6.63
C CYS B 264 -7.80 1.24 -7.04
N LYS B 265 -6.76 0.46 -7.31
CA LYS B 265 -6.97 -0.91 -7.76
C LYS B 265 -7.54 -1.80 -6.65
N PHE B 266 -7.46 -1.38 -5.39
CA PHE B 266 -7.88 -2.17 -4.25
C PHE B 266 -9.15 -1.64 -3.61
N ALA B 267 -9.79 -0.62 -4.20
CA ALA B 267 -10.96 -0.01 -3.61
C ALA B 267 -12.08 -1.02 -3.43
N MET B 268 -12.80 -0.87 -2.34
CA MET B 268 -14.00 -1.65 -2.05
C MET B 268 -15.22 -0.73 -2.19
#